data_4PO0
#
_entry.id   4PO0
#
_cell.length_a   74.440
_cell.length_b   79.790
_cell.length_c   102.880
_cell.angle_alpha   90.00
_cell.angle_beta   90.00
_cell.angle_gamma   90.00
#
_symmetry.space_group_name_H-M   'P 21 21 21'
#
loop_
_entity.id
_entity.type
_entity.pdbx_description
1 polymer 'Serum albumin'
2 non-polymer '(2S)-2-(6-methoxynaphthalen-2-yl)propanoic acid'
3 water water
#
_entity_poly.entity_id   1
_entity_poly.type   'polypeptide(L)'
_entity_poly.pdbx_seq_one_letter_code
;EAHKSEIAHRFNDVGEEHFIGLVLITFSQYLQKCPYEEHAKLVKEVTDLAKACVADESAANCDKSLHDIFGDKICALPSL
RDTYGDVADCCEKKEPERNECFLHHKDDKPDLPPFARPEADVLCKAFHDDEKAFFGHYLYEVARRHPYFYAPELLYYAQK
YKAILTECCEAADKGACLTPKLDALKEKALISAAQERLRCASIQKFGDRAYKAWALVRLSQRFPKADFTDISKIVTDLTK
VHKECCHGDLLECADDRADLAKYMCEHQETISSHLKECCDKPILEKAHCIYGLHNDETPAGLPAVAEEFVEDKDVCKNYE
EAKDLFLGKFLYEYSRRHPDYSVVLLLRLGKAYEATLKKCCATDDPHACYAKVLDEFQPLVDEPKNLVKQNCELYEQLGD
YNFQNALLVRYTKKVPQVSTPTLVEISRSLGKVGSKCCKHPEAERLPCVEDYLSVVLNRLCVLHEKTPVSEKVTKCCSES
LVDRRPCFSALGPDETYVPKEFNAETFTFHADICTLPETERKIKKQTALVELVKHKPHATNDQLKTVVGEFTALLDKCCS
AEDKEACFAVEGPKLVESSKATLG
;
_entity_poly.pdbx_strand_id   A
#
loop_
_chem_comp.id
_chem_comp.type
_chem_comp.name
_chem_comp.formula
NPS non-polymer '(2S)-2-(6-methoxynaphthalen-2-yl)propanoic acid' 'C14 H14 O3'
#
# COMPACT_ATOMS: atom_id res chain seq x y z
N ALA A 2 -13.06 -6.17 -27.09
CA ALA A 2 -12.87 -7.62 -27.46
C ALA A 2 -11.96 -7.78 -28.71
N HIS A 3 -10.92 -8.62 -28.58
CA HIS A 3 -10.30 -9.37 -29.69
C HIS A 3 -11.17 -10.59 -29.99
N LYS A 4 -10.86 -11.35 -31.03
CA LYS A 4 -11.61 -12.60 -31.25
C LYS A 4 -11.25 -13.67 -30.26
N SER A 5 -10.00 -13.68 -29.78
CA SER A 5 -9.64 -14.52 -28.65
C SER A 5 -8.78 -13.72 -27.73
N GLU A 6 -9.38 -13.27 -26.61
CA GLU A 6 -8.68 -12.35 -25.66
C GLU A 6 -7.50 -13.08 -25.06
N ILE A 7 -7.78 -14.26 -24.53
CA ILE A 7 -6.74 -15.07 -23.94
C ILE A 7 -5.50 -15.22 -24.84
N ALA A 8 -5.69 -15.35 -26.16
CA ALA A 8 -4.54 -15.43 -27.08
C ALA A 8 -3.83 -14.11 -27.24
N HIS A 9 -4.63 -13.05 -27.37
CA HIS A 9 -4.03 -11.73 -27.57
C HIS A 9 -3.16 -11.56 -26.35
N ARG A 10 -3.73 -11.82 -25.19
CA ARG A 10 -2.99 -11.52 -24.02
C ARG A 10 -1.74 -12.39 -23.91
N PHE A 11 -1.90 -13.66 -24.26
CA PHE A 11 -0.80 -14.56 -24.25
C PHE A 11 0.30 -14.13 -25.21
N ASN A 12 -0.04 -13.78 -26.43
CA ASN A 12 1.01 -13.28 -27.35
C ASN A 12 1.58 -11.97 -26.94
N ASP A 13 0.74 -11.06 -26.45
CA ASP A 13 1.23 -9.76 -25.98
C ASP A 13 2.25 -9.83 -24.86
N VAL A 14 1.95 -10.52 -23.75
CA VAL A 14 2.85 -10.50 -22.60
C VAL A 14 3.86 -11.61 -22.54
N GLY A 15 3.62 -12.69 -23.27
CA GLY A 15 4.57 -13.79 -23.29
C GLY A 15 4.21 -14.86 -22.32
N GLU A 16 4.64 -16.09 -22.57
CA GLU A 16 4.36 -17.17 -21.62
C GLU A 16 4.70 -16.89 -20.17
N GLU A 17 5.96 -16.53 -19.89
CA GLU A 17 6.45 -16.60 -18.52
C GLU A 17 5.66 -15.59 -17.67
N HIS A 18 5.44 -14.40 -18.22
CA HIS A 18 4.66 -13.46 -17.52
C HIS A 18 3.24 -13.90 -17.49
N PHE A 19 2.86 -14.64 -18.50
CA PHE A 19 1.43 -14.87 -18.60
C PHE A 19 1.09 -15.85 -17.51
N ILE A 20 1.90 -16.90 -17.43
CA ILE A 20 1.83 -17.79 -16.29
C ILE A 20 1.87 -16.93 -15.02
N GLY A 21 2.92 -16.14 -14.85
CA GLY A 21 2.97 -15.22 -13.70
C GLY A 21 1.63 -14.56 -13.37
N LEU A 22 1.10 -13.87 -14.39
CA LEU A 22 -0.07 -13.04 -14.15
C LEU A 22 -1.32 -13.86 -13.72
N VAL A 23 -1.40 -15.04 -14.31
CA VAL A 23 -2.51 -15.90 -14.10
C VAL A 23 -2.39 -16.52 -12.72
N LEU A 24 -1.18 -16.90 -12.32
CA LEU A 24 -0.93 -17.40 -10.96
C LEU A 24 -1.39 -16.37 -9.97
N ILE A 25 -1.06 -15.12 -10.22
CA ILE A 25 -1.35 -14.07 -9.28
C ILE A 25 -2.87 -13.88 -9.32
N THR A 26 -3.48 -13.89 -10.50
CA THR A 26 -4.91 -13.68 -10.55
C THR A 26 -5.60 -14.66 -9.62
N PHE A 27 -5.26 -15.93 -9.74
CA PHE A 27 -5.87 -16.99 -8.95
C PHE A 27 -5.56 -16.92 -7.46
N SER A 28 -4.30 -16.69 -7.14
CA SER A 28 -3.85 -16.53 -5.79
C SER A 28 -4.61 -15.44 -5.12
N GLN A 29 -5.11 -14.54 -5.95
CA GLN A 29 -5.71 -13.34 -5.44
C GLN A 29 -7.19 -13.50 -5.26
N TYR A 30 -7.83 -14.39 -5.98
CA TYR A 30 -9.26 -14.52 -5.80
C TYR A 30 -9.43 -15.46 -4.59
N LEU A 31 -9.00 -16.70 -4.80
CA LEU A 31 -9.12 -17.76 -3.82
C LEU A 31 -7.87 -17.85 -2.97
N GLN A 32 -7.72 -16.88 -2.06
CA GLN A 32 -6.52 -16.71 -1.31
C GLN A 32 -6.32 -17.79 -0.29
N LYS A 33 -7.33 -18.61 -0.11
CA LYS A 33 -7.34 -19.56 0.97
C LYS A 33 -7.05 -20.97 0.49
N CYS A 34 -7.08 -21.15 -0.83
CA CYS A 34 -6.80 -22.48 -1.45
C CYS A 34 -5.31 -22.79 -1.51
N PRO A 35 -4.95 -24.07 -1.29
CA PRO A 35 -3.52 -24.34 -1.23
C PRO A 35 -2.88 -24.24 -2.62
N TYR A 36 -1.59 -23.91 -2.62
CA TYR A 36 -0.82 -23.83 -3.83
C TYR A 36 -1.19 -24.82 -4.99
N GLU A 37 -1.45 -26.08 -4.68
CA GLU A 37 -1.65 -27.08 -5.73
C GLU A 37 -2.94 -26.90 -6.52
N GLU A 38 -3.99 -26.36 -5.92
CA GLU A 38 -5.17 -26.05 -6.71
C GLU A 38 -4.79 -24.94 -7.71
N HIS A 39 -3.91 -24.06 -7.23
CA HIS A 39 -3.58 -22.91 -8.01
C HIS A 39 -2.77 -23.26 -9.23
N ALA A 40 -1.63 -23.89 -9.02
CA ALA A 40 -0.87 -24.41 -10.11
C ALA A 40 -1.78 -25.18 -11.08
N LYS A 41 -2.79 -25.88 -10.55
CA LYS A 41 -3.68 -26.64 -11.40
C LYS A 41 -4.42 -25.73 -12.37
N LEU A 42 -5.04 -24.70 -11.86
CA LEU A 42 -5.80 -23.81 -12.72
C LEU A 42 -4.85 -23.06 -13.63
N VAL A 43 -3.64 -22.81 -13.14
CA VAL A 43 -2.74 -22.03 -13.93
C VAL A 43 -2.35 -22.70 -15.18
N LYS A 44 -1.76 -23.90 -15.05
CA LYS A 44 -1.45 -24.77 -16.18
C LYS A 44 -2.72 -25.05 -17.00
N GLU A 45 -3.86 -25.32 -16.35
CA GLU A 45 -5.06 -25.58 -17.09
C GLU A 45 -5.38 -24.43 -18.03
N VAL A 46 -5.12 -23.22 -17.51
CA VAL A 46 -5.41 -21.99 -18.19
C VAL A 46 -4.35 -21.63 -19.20
N THR A 47 -3.11 -21.97 -18.93
CA THR A 47 -1.99 -21.88 -19.90
C THR A 47 -2.19 -22.87 -21.07
N ASP A 48 -2.55 -24.09 -20.74
CA ASP A 48 -2.88 -25.04 -21.80
C ASP A 48 -3.92 -24.52 -22.77
N LEU A 49 -5.02 -23.96 -22.25
CA LEU A 49 -6.11 -23.43 -23.09
C LEU A 49 -5.65 -22.30 -24.03
N ALA A 50 -4.58 -21.65 -23.60
CA ALA A 50 -4.10 -20.42 -24.20
C ALA A 50 -3.24 -20.76 -25.39
N LYS A 51 -2.29 -21.66 -25.12
CA LYS A 51 -1.43 -22.26 -26.10
C LYS A 51 -2.29 -22.91 -27.18
N ALA A 52 -3.33 -23.60 -26.71
CA ALA A 52 -4.36 -24.11 -27.61
C ALA A 52 -5.00 -23.03 -28.54
N CYS A 53 -5.20 -21.84 -28.01
CA CYS A 53 -5.95 -20.83 -28.73
C CYS A 53 -4.93 -20.20 -29.58
N VAL A 54 -3.78 -19.90 -28.98
CA VAL A 54 -2.76 -19.32 -29.79
C VAL A 54 -2.70 -20.10 -31.08
N ALA A 55 -2.84 -21.43 -30.96
CA ALA A 55 -2.56 -22.37 -32.04
C ALA A 55 -3.61 -22.20 -33.09
N ASP A 56 -4.86 -22.16 -32.65
CA ASP A 56 -6.01 -22.05 -33.52
C ASP A 56 -7.03 -21.28 -32.75
N GLU A 57 -7.34 -20.07 -33.22
CA GLU A 57 -8.22 -19.13 -32.51
C GLU A 57 -9.68 -19.53 -32.36
N SER A 58 -10.12 -20.58 -33.07
CA SER A 58 -11.53 -21.04 -33.03
C SER A 58 -11.78 -22.24 -32.09
N ALA A 59 -10.75 -22.67 -31.35
CA ALA A 59 -10.91 -23.72 -30.38
C ALA A 59 -12.00 -23.31 -29.39
N ALA A 60 -12.50 -24.28 -28.64
CA ALA A 60 -13.60 -23.97 -27.77
C ALA A 60 -12.94 -23.22 -26.67
N ASN A 61 -13.73 -22.35 -26.05
CA ASN A 61 -13.36 -21.55 -24.88
C ASN A 61 -12.47 -20.41 -25.24
N CYS A 62 -12.05 -20.40 -26.52
CA CYS A 62 -11.08 -19.41 -26.97
C CYS A 62 -11.78 -18.05 -27.13
N ASP A 63 -13.11 -18.05 -27.23
CA ASP A 63 -13.87 -16.85 -27.47
C ASP A 63 -14.39 -16.26 -26.14
N LYS A 64 -14.28 -17.04 -25.08
CA LYS A 64 -14.81 -16.58 -23.83
C LYS A 64 -13.99 -15.43 -23.32
N SER A 65 -14.64 -14.58 -22.54
CA SER A 65 -13.97 -13.49 -21.83
C SER A 65 -12.99 -14.07 -20.81
N LEU A 66 -11.97 -13.31 -20.42
CA LEU A 66 -11.02 -13.88 -19.46
C LEU A 66 -11.72 -14.26 -18.18
N HIS A 67 -12.64 -13.40 -17.69
CA HIS A 67 -13.48 -13.75 -16.53
C HIS A 67 -14.22 -15.08 -16.76
N ASP A 68 -14.68 -15.35 -17.98
CA ASP A 68 -15.53 -16.52 -18.13
C ASP A 68 -14.65 -17.75 -17.90
N ILE A 69 -13.52 -17.73 -18.59
CA ILE A 69 -12.48 -18.74 -18.44
C ILE A 69 -12.07 -18.88 -16.99
N PHE A 70 -11.66 -17.78 -16.38
CA PHE A 70 -11.28 -17.78 -14.99
C PHE A 70 -12.36 -18.39 -14.12
N GLY A 71 -13.56 -17.80 -14.19
CA GLY A 71 -14.77 -18.36 -13.56
C GLY A 71 -15.00 -19.87 -13.72
N ASP A 72 -15.20 -20.34 -14.94
CA ASP A 72 -15.37 -21.76 -15.21
C ASP A 72 -14.36 -22.66 -14.46
N LYS A 73 -13.08 -22.51 -14.77
CA LYS A 73 -12.00 -23.17 -14.00
C LYS A 73 -12.22 -23.12 -12.48
N ILE A 74 -12.68 -22.00 -11.94
CA ILE A 74 -12.80 -21.93 -10.49
C ILE A 74 -13.96 -22.78 -9.99
N CYS A 75 -14.87 -23.13 -10.89
CA CYS A 75 -16.05 -23.93 -10.53
C CYS A 75 -15.89 -25.43 -10.93
N ALA A 76 -14.75 -25.79 -11.50
CA ALA A 76 -14.25 -27.17 -11.34
C ALA A 76 -13.16 -27.13 -10.22
N LEU A 77 -13.24 -26.08 -9.40
CA LEU A 77 -12.51 -26.02 -8.14
C LEU A 77 -13.33 -26.56 -6.93
N PRO A 78 -14.70 -26.58 -7.02
CA PRO A 78 -15.49 -27.43 -6.11
C PRO A 78 -15.15 -28.91 -6.29
N SER A 79 -14.51 -29.23 -7.40
CA SER A 79 -13.91 -30.54 -7.65
C SER A 79 -12.79 -30.77 -6.64
N LEU A 80 -12.09 -29.70 -6.27
CA LEU A 80 -11.25 -29.74 -5.07
C LEU A 80 -12.05 -29.08 -3.95
N ARG A 81 -12.63 -29.94 -3.09
CA ARG A 81 -13.70 -29.56 -2.16
C ARG A 81 -13.70 -28.10 -1.68
N ASP A 82 -14.84 -27.44 -1.89
CA ASP A 82 -15.12 -26.12 -1.35
C ASP A 82 -15.51 -26.26 0.12
N THR A 83 -14.62 -26.83 0.93
CA THR A 83 -14.87 -27.03 2.35
C THR A 83 -15.11 -25.66 2.99
N TYR A 84 -14.16 -24.73 2.77
CA TYR A 84 -14.45 -23.33 3.04
C TYR A 84 -15.57 -22.94 2.09
N GLY A 85 -15.27 -22.86 0.79
CA GLY A 85 -16.25 -22.51 -0.23
C GLY A 85 -17.10 -21.31 0.09
N ASP A 86 -16.48 -20.36 0.79
CA ASP A 86 -17.17 -19.18 1.31
C ASP A 86 -17.94 -18.41 0.21
N VAL A 87 -17.51 -18.66 -1.02
CA VAL A 87 -17.98 -17.94 -2.19
C VAL A 87 -18.32 -18.95 -3.31
N ALA A 88 -18.79 -20.12 -2.90
CA ALA A 88 -19.43 -21.08 -3.83
C ALA A 88 -20.73 -20.46 -4.35
N ASP A 89 -21.24 -19.48 -3.58
CA ASP A 89 -22.43 -18.68 -3.94
C ASP A 89 -22.18 -18.11 -5.32
N CYS A 90 -21.02 -17.48 -5.47
CA CYS A 90 -20.62 -16.79 -6.68
C CYS A 90 -20.65 -17.66 -7.92
N CYS A 91 -20.05 -18.85 -7.82
CA CYS A 91 -20.16 -19.83 -8.91
C CYS A 91 -21.64 -20.10 -9.40
N GLU A 92 -22.62 -20.13 -8.48
CA GLU A 92 -24.07 -20.18 -8.77
C GLU A 92 -24.57 -19.21 -9.87
N LYS A 93 -24.14 -17.94 -9.80
CA LYS A 93 -24.47 -16.90 -10.79
C LYS A 93 -23.58 -16.95 -12.02
N LYS A 94 -24.06 -16.37 -13.13
CA LYS A 94 -23.25 -16.22 -14.37
C LYS A 94 -22.53 -14.88 -14.27
N GLU A 95 -21.86 -14.44 -15.34
CA GLU A 95 -21.28 -13.09 -15.30
C GLU A 95 -22.37 -12.03 -15.49
N PRO A 96 -22.11 -10.75 -15.07
CA PRO A 96 -20.86 -10.30 -14.42
C PRO A 96 -20.85 -10.59 -12.92
N GLU A 97 -22.04 -10.83 -12.38
CA GLU A 97 -22.19 -11.20 -10.97
C GLU A 97 -21.13 -12.24 -10.54
N ARG A 98 -20.92 -13.30 -11.34
CA ARG A 98 -20.01 -14.36 -10.91
C ARG A 98 -18.66 -13.75 -10.60
N ASN A 99 -18.25 -12.77 -11.41
CA ASN A 99 -16.96 -12.12 -11.17
C ASN A 99 -16.98 -11.06 -10.07
N GLU A 100 -17.92 -10.13 -10.14
CA GLU A 100 -18.11 -9.13 -9.10
C GLU A 100 -18.08 -9.77 -7.72
N CYS A 101 -18.52 -11.00 -7.71
CA CYS A 101 -18.81 -11.66 -6.50
C CYS A 101 -17.47 -12.05 -5.92
N PHE A 102 -16.64 -12.62 -6.79
CA PHE A 102 -15.27 -12.95 -6.44
C PHE A 102 -14.47 -11.75 -5.91
N LEU A 103 -14.69 -10.57 -6.46
CA LEU A 103 -13.96 -9.40 -6.01
C LEU A 103 -14.48 -8.94 -4.64
N HIS A 104 -15.76 -9.18 -4.36
CA HIS A 104 -16.30 -8.84 -3.04
CA HIS A 104 -16.29 -8.81 -3.06
C HIS A 104 -15.48 -9.56 -1.97
N HIS A 105 -15.04 -10.77 -2.32
CA HIS A 105 -14.43 -11.62 -1.31
C HIS A 105 -12.97 -11.53 -1.07
N LYS A 106 -12.30 -10.68 -1.86
CA LYS A 106 -10.93 -10.28 -1.62
C LYS A 106 -10.91 -9.80 -0.21
N ASP A 107 -9.89 -10.27 0.50
CA ASP A 107 -9.77 -10.05 1.92
C ASP A 107 -8.41 -9.46 2.22
N ASP A 108 -8.41 -8.31 2.87
CA ASP A 108 -7.20 -7.59 3.14
C ASP A 108 -6.39 -8.08 4.32
N LYS A 109 -6.83 -9.10 5.01
CA LYS A 109 -6.03 -9.67 6.11
C LYS A 109 -6.43 -11.12 6.28
N PRO A 110 -6.24 -11.95 5.25
CA PRO A 110 -6.79 -13.28 5.40
C PRO A 110 -6.10 -13.94 6.60
N ASP A 111 -6.72 -14.95 7.18
CA ASP A 111 -6.24 -15.44 8.44
C ASP A 111 -5.12 -16.44 8.15
N LEU A 112 -3.92 -15.92 7.95
CA LEU A 112 -2.78 -16.77 7.59
C LEU A 112 -1.58 -16.46 8.45
N PRO A 113 -0.90 -17.52 8.92
CA PRO A 113 0.40 -17.47 9.58
C PRO A 113 1.29 -16.56 8.78
N PRO A 114 2.04 -15.66 9.43
CA PRO A 114 2.69 -14.71 8.56
C PRO A 114 3.63 -15.45 7.63
N PHE A 115 3.74 -14.96 6.40
CA PHE A 115 4.72 -15.47 5.44
C PHE A 115 6.02 -15.69 6.20
N ALA A 116 6.47 -16.94 6.25
CA ALA A 116 7.66 -17.18 7.06
C ALA A 116 8.94 -17.30 6.20
N ARG A 117 9.99 -16.60 6.66
CA ARG A 117 11.37 -16.70 6.14
C ARG A 117 12.04 -17.99 6.61
N PRO A 118 12.29 -18.94 5.68
CA PRO A 118 13.09 -20.11 6.09
C PRO A 118 14.57 -19.72 6.31
N GLU A 119 15.38 -20.66 6.81
CA GLU A 119 16.78 -20.35 7.12
C GLU A 119 17.52 -20.14 5.81
N ALA A 120 18.42 -19.14 5.79
CA ALA A 120 19.23 -18.85 4.60
C ALA A 120 19.54 -20.11 3.76
N ASP A 121 19.91 -21.18 4.43
CA ASP A 121 20.25 -22.37 3.72
C ASP A 121 19.02 -22.99 3.13
N VAL A 122 17.92 -22.98 3.86
CA VAL A 122 16.77 -23.73 3.41
C VAL A 122 16.16 -23.09 2.15
N LEU A 123 16.06 -21.75 2.18
CA LEU A 123 15.76 -20.94 0.99
C LEU A 123 16.68 -21.29 -0.15
N CYS A 124 17.97 -21.21 0.13
CA CYS A 124 18.98 -21.37 -0.90
C CYS A 124 18.87 -22.69 -1.66
N LYS A 125 18.62 -23.77 -0.93
CA LYS A 125 18.47 -25.06 -1.55
C LYS A 125 17.14 -25.13 -2.31
N ALA A 126 16.08 -24.64 -1.68
CA ALA A 126 14.76 -24.74 -2.26
C ALA A 126 14.81 -24.09 -3.62
N PHE A 127 15.39 -22.88 -3.65
CA PHE A 127 15.72 -22.16 -4.85
C PHE A 127 16.61 -22.93 -5.84
N HIS A 128 17.72 -23.54 -5.39
CA HIS A 128 18.49 -24.42 -6.30
C HIS A 128 17.67 -25.56 -6.95
N ASP A 129 16.77 -26.17 -6.19
CA ASP A 129 16.07 -27.34 -6.67
C ASP A 129 15.10 -27.14 -7.84
N ASP A 130 14.34 -26.05 -7.82
CA ASP A 130 13.31 -25.79 -8.79
C ASP A 130 12.98 -24.31 -8.71
N GLU A 131 13.51 -23.52 -9.65
CA GLU A 131 13.16 -22.11 -9.73
C GLU A 131 11.67 -21.89 -9.92
N LYS A 132 11.10 -22.71 -10.80
CA LYS A 132 9.72 -22.53 -11.17
C LYS A 132 8.86 -22.60 -9.91
N ALA A 133 8.81 -23.79 -9.32
CA ALA A 133 8.05 -24.02 -8.12
C ALA A 133 8.35 -22.99 -7.01
N PHE A 134 9.62 -22.66 -6.83
CA PHE A 134 10.05 -21.76 -5.77
C PHE A 134 9.32 -20.37 -5.88
N PHE A 135 9.49 -19.71 -7.03
CA PHE A 135 8.82 -18.43 -7.34
C PHE A 135 7.35 -18.53 -7.62
N GLY A 136 6.87 -19.73 -7.97
CA GLY A 136 5.44 -19.98 -8.00
C GLY A 136 4.92 -19.78 -6.59
N HIS A 137 5.50 -20.55 -5.69
CA HIS A 137 5.09 -20.54 -4.33
C HIS A 137 5.17 -19.10 -3.84
N TYR A 138 6.17 -18.39 -4.29
CA TYR A 138 6.42 -17.08 -3.80
C TYR A 138 5.33 -16.10 -4.34
N LEU A 139 5.08 -16.16 -5.65
CA LEU A 139 4.03 -15.34 -6.25
C LEU A 139 2.76 -15.62 -5.55
N TYR A 140 2.36 -16.88 -5.53
CA TYR A 140 1.31 -17.41 -4.69
C TYR A 140 1.26 -16.81 -3.31
N GLU A 141 2.39 -16.69 -2.64
CA GLU A 141 2.30 -16.41 -1.20
C GLU A 141 2.16 -14.92 -1.02
N VAL A 142 2.76 -14.14 -1.88
CA VAL A 142 2.64 -12.71 -1.64
C VAL A 142 1.29 -12.23 -2.16
N ALA A 143 0.94 -12.70 -3.33
CA ALA A 143 -0.26 -12.24 -3.97
C ALA A 143 -1.46 -12.49 -3.05
N ARG A 144 -1.43 -13.60 -2.29
CA ARG A 144 -2.60 -13.96 -1.49
C ARG A 144 -2.66 -13.21 -0.18
N ARG A 145 -1.59 -12.53 0.16
CA ARG A 145 -1.68 -11.78 1.39
C ARG A 145 -1.93 -10.34 1.00
N HIS A 146 -1.85 -10.04 -0.28
CA HIS A 146 -1.91 -8.68 -0.76
C HIS A 146 -2.71 -8.75 -2.06
N PRO A 147 -3.97 -9.13 -1.91
CA PRO A 147 -4.89 -9.38 -3.01
C PRO A 147 -5.06 -8.22 -4.00
N TYR A 148 -4.29 -7.15 -3.84
CA TYR A 148 -4.46 -5.96 -4.69
C TYR A 148 -3.14 -5.50 -5.09
N PHE A 149 -2.14 -6.30 -4.81
CA PHE A 149 -0.75 -5.93 -5.04
C PHE A 149 -0.54 -5.67 -6.54
N TYR A 150 0.18 -4.60 -6.89
CA TYR A 150 0.35 -4.26 -8.26
C TYR A 150 1.02 -5.44 -9.00
N ALA A 151 0.21 -6.20 -9.74
CA ALA A 151 0.68 -7.45 -10.31
C ALA A 151 2.03 -7.35 -11.10
N PRO A 152 2.09 -6.42 -12.04
CA PRO A 152 3.29 -6.29 -12.77
C PRO A 152 4.53 -6.08 -11.90
N GLU A 153 4.39 -5.32 -10.82
CA GLU A 153 5.51 -5.10 -9.94
C GLU A 153 5.79 -6.42 -9.22
N LEU A 154 4.75 -7.21 -8.95
CA LEU A 154 5.08 -8.38 -8.20
C LEU A 154 6.04 -9.21 -9.05
N LEU A 155 5.68 -9.41 -10.32
CA LEU A 155 6.59 -10.14 -11.21
C LEU A 155 8.02 -9.57 -11.14
N TYR A 156 8.11 -8.25 -11.29
CA TYR A 156 9.34 -7.55 -10.92
C TYR A 156 10.02 -8.04 -9.61
N TYR A 157 9.29 -8.06 -8.50
CA TYR A 157 9.86 -8.50 -7.25
C TYR A 157 10.30 -9.95 -7.32
N ALA A 158 9.59 -10.76 -8.09
CA ALA A 158 10.08 -12.10 -8.28
C ALA A 158 11.48 -12.03 -8.93
N GLN A 159 11.66 -11.12 -9.88
CA GLN A 159 12.87 -11.12 -10.68
C GLN A 159 14.04 -10.57 -9.85
N LYS A 160 13.74 -9.63 -8.97
CA LYS A 160 14.72 -9.13 -8.02
C LYS A 160 15.12 -10.12 -6.94
N TYR A 161 14.12 -10.81 -6.39
CA TYR A 161 14.37 -11.76 -5.34
C TYR A 161 15.24 -12.85 -5.94
N LYS A 162 15.12 -13.08 -7.26
CA LYS A 162 15.88 -14.11 -7.91
C LYS A 162 17.30 -13.60 -8.08
N ALA A 163 17.46 -12.29 -8.28
CA ALA A 163 18.83 -11.82 -8.46
C ALA A 163 19.56 -11.96 -7.12
N ILE A 164 18.91 -11.54 -6.05
CA ILE A 164 19.51 -11.62 -4.73
C ILE A 164 19.86 -13.06 -4.35
N LEU A 165 19.05 -14.01 -4.80
CA LEU A 165 19.27 -15.39 -4.42
C LEU A 165 20.51 -15.93 -5.11
N THR A 166 20.56 -15.76 -6.43
CA THR A 166 21.77 -15.98 -7.21
C THR A 166 23.02 -15.35 -6.49
N GLU A 167 22.87 -14.12 -5.95
CA GLU A 167 23.99 -13.42 -5.37
C GLU A 167 24.46 -14.18 -4.17
N CYS A 168 23.54 -14.45 -3.25
CA CYS A 168 23.92 -14.93 -1.91
C CYS A 168 24.05 -16.42 -1.65
N CYS A 169 23.43 -17.24 -2.51
CA CYS A 169 23.33 -18.68 -2.27
C CYS A 169 24.62 -19.49 -2.48
N GLU A 170 25.72 -18.79 -2.82
CA GLU A 170 27.05 -19.39 -2.88
C GLU A 170 28.16 -18.41 -2.33
N ALA A 171 27.81 -17.69 -1.26
CA ALA A 171 28.76 -16.96 -0.43
C ALA A 171 29.13 -17.90 0.71
N ALA A 172 30.35 -17.80 1.22
CA ALA A 172 30.75 -18.74 2.26
C ALA A 172 29.71 -18.76 3.40
N ASP A 173 29.16 -17.59 3.72
CA ASP A 173 27.98 -17.48 4.58
C ASP A 173 26.75 -16.94 3.83
N LYS A 174 25.74 -17.81 3.68
CA LYS A 174 24.51 -17.50 2.96
C LYS A 174 23.75 -16.38 3.65
N GLY A 175 23.35 -16.64 4.89
CA GLY A 175 22.57 -15.66 5.67
C GLY A 175 23.00 -14.20 5.65
N ALA A 176 24.29 -13.94 5.83
CA ALA A 176 24.78 -12.57 6.03
C ALA A 176 24.83 -11.80 4.72
N CYS A 177 24.92 -12.56 3.62
CA CYS A 177 24.87 -11.95 2.31
C CYS A 177 23.45 -11.54 2.01
N LEU A 178 22.54 -12.42 2.43
CA LEU A 178 21.16 -12.49 1.99
C LEU A 178 20.15 -11.74 2.87
N THR A 179 20.15 -11.88 4.19
CA THR A 179 19.06 -11.31 4.96
C THR A 179 18.94 -9.75 4.90
N PRO A 180 20.07 -9.02 4.96
CA PRO A 180 19.81 -7.58 4.84
C PRO A 180 19.14 -7.23 3.51
N LYS A 181 19.81 -7.54 2.39
CA LYS A 181 19.35 -7.31 0.98
C LYS A 181 17.91 -7.70 0.71
N LEU A 182 17.41 -8.59 1.55
CA LEU A 182 16.14 -9.22 1.41
C LEU A 182 15.10 -8.53 2.27
N ASP A 183 15.46 -8.24 3.53
CA ASP A 183 14.62 -7.40 4.39
C ASP A 183 14.37 -6.14 3.59
N ALA A 184 15.43 -5.57 3.04
CA ALA A 184 15.38 -4.27 2.40
C ALA A 184 14.24 -4.26 1.40
N LEU A 185 14.35 -5.22 0.50
CA LEU A 185 13.47 -5.40 -0.60
C LEU A 185 12.04 -5.64 -0.13
N LYS A 186 11.90 -6.47 0.90
CA LYS A 186 10.61 -6.73 1.54
C LYS A 186 9.93 -5.45 2.09
N GLU A 187 10.66 -4.66 2.87
CA GLU A 187 10.17 -3.34 3.26
CA GLU A 187 10.14 -3.38 3.27
C GLU A 187 9.71 -2.57 2.01
N LYS A 188 10.49 -2.63 0.92
CA LYS A 188 10.09 -1.94 -0.31
C LYS A 188 8.81 -2.55 -0.90
N ALA A 189 8.70 -3.86 -0.94
CA ALA A 189 7.45 -4.47 -1.44
C ALA A 189 6.30 -4.07 -0.52
N LEU A 190 6.56 -4.01 0.79
CA LEU A 190 5.48 -3.68 1.66
C LEU A 190 5.00 -2.28 1.35
N ILE A 191 5.90 -1.42 0.96
CA ILE A 191 5.44 -0.10 0.52
C ILE A 191 4.59 -0.10 -0.80
N SER A 192 4.99 -0.93 -1.75
CA SER A 192 4.39 -0.92 -3.06
C SER A 192 3.00 -1.50 -2.88
N ALA A 193 2.90 -2.64 -2.20
CA ALA A 193 1.63 -3.16 -1.82
C ALA A 193 0.65 -2.06 -1.26
N ALA A 194 1.15 -1.25 -0.30
CA ALA A 194 0.42 -0.08 0.26
C ALA A 194 0.07 0.97 -0.77
N GLN A 195 1.03 1.33 -1.61
CA GLN A 195 0.81 2.35 -2.63
C GLN A 195 -0.36 1.90 -3.53
N GLU A 196 -0.16 0.74 -4.13
CA GLU A 196 -1.16 0.20 -4.98
C GLU A 196 -2.49 0.11 -4.23
N ARG A 197 -2.46 -0.22 -2.93
CA ARG A 197 -3.71 -0.43 -2.17
C ARG A 197 -4.51 0.82 -2.13
N LEU A 198 -3.78 1.94 -2.01
CA LEU A 198 -4.36 3.25 -1.87
C LEU A 198 -4.95 3.62 -3.23
N ARG A 199 -4.34 3.10 -4.32
CA ARG A 199 -4.76 3.54 -5.68
C ARG A 199 -6.10 2.91 -5.93
N CYS A 200 -6.16 1.63 -5.62
CA CYS A 200 -7.40 0.86 -5.66
C CYS A 200 -8.46 1.44 -4.72
N ALA A 201 -8.10 1.64 -3.43
CA ALA A 201 -9.06 2.21 -2.46
C ALA A 201 -9.70 3.50 -2.98
N SER A 202 -8.82 4.35 -3.53
CA SER A 202 -9.19 5.62 -4.04
C SER A 202 -10.13 5.40 -5.18
N ILE A 203 -9.77 4.44 -6.06
CA ILE A 203 -10.59 4.18 -7.25
C ILE A 203 -11.99 3.71 -6.91
N GLN A 204 -12.05 2.75 -6.00
CA GLN A 204 -13.25 2.01 -5.74
C GLN A 204 -14.18 2.76 -4.83
N LYS A 205 -13.62 3.53 -3.94
CA LYS A 205 -14.40 4.10 -2.87
C LYS A 205 -14.66 5.59 -3.13
N PHE A 206 -13.77 6.26 -3.88
CA PHE A 206 -13.96 7.67 -4.29
C PHE A 206 -14.10 7.88 -5.82
N GLY A 207 -13.96 6.81 -6.59
CA GLY A 207 -14.13 6.93 -8.00
C GLY A 207 -12.89 7.24 -8.82
N ASP A 208 -13.00 7.02 -10.13
CA ASP A 208 -11.91 7.28 -11.03
C ASP A 208 -11.32 8.67 -10.77
N ARG A 209 -12.15 9.73 -10.75
CA ARG A 209 -11.64 11.10 -10.56
C ARG A 209 -10.60 11.28 -9.44
N ALA A 210 -10.79 10.57 -8.35
CA ALA A 210 -9.85 10.64 -7.26
C ALA A 210 -8.46 10.12 -7.66
N TYR A 211 -8.37 8.91 -8.25
CA TYR A 211 -7.08 8.40 -8.71
C TYR A 211 -6.57 9.33 -9.82
N LYS A 212 -7.47 9.85 -10.64
CA LYS A 212 -7.03 10.72 -11.72
C LYS A 212 -6.30 11.91 -11.17
N ALA A 213 -6.97 12.59 -10.25
CA ALA A 213 -6.53 13.84 -9.67
C ALA A 213 -5.18 13.60 -9.00
N TRP A 214 -5.08 12.46 -8.32
CA TRP A 214 -3.94 12.24 -7.46
C TRP A 214 -2.81 11.90 -8.41
N ALA A 215 -3.18 11.27 -9.50
CA ALA A 215 -2.20 10.86 -10.47
C ALA A 215 -1.60 12.08 -11.20
N LEU A 216 -2.47 13.01 -11.59
CA LEU A 216 -2.05 14.19 -12.29
C LEU A 216 -1.08 14.93 -11.40
N VAL A 217 -1.49 15.22 -10.17
CA VAL A 217 -0.55 15.86 -9.23
C VAL A 217 0.81 15.20 -9.20
N ARG A 218 0.84 13.91 -8.91
CA ARG A 218 2.15 13.18 -8.81
C ARG A 218 3.01 13.31 -10.06
N LEU A 219 2.40 13.11 -11.22
CA LEU A 219 3.18 13.13 -12.46
C LEU A 219 3.53 14.53 -12.82
N SER A 220 2.83 15.48 -12.23
CA SER A 220 3.11 16.82 -12.62
C SER A 220 4.39 17.11 -11.93
N GLN A 221 4.50 16.76 -10.67
CA GLN A 221 5.78 16.94 -9.96
C GLN A 221 6.92 16.20 -10.65
N ARG A 222 6.59 15.03 -11.25
CA ARG A 222 7.62 14.11 -11.72
C ARG A 222 8.16 14.55 -13.08
N PHE A 223 7.24 15.01 -13.93
CA PHE A 223 7.45 15.36 -15.33
C PHE A 223 7.06 16.82 -15.60
N PRO A 224 7.72 17.73 -14.89
CA PRO A 224 7.32 19.11 -14.85
C PRO A 224 7.32 19.71 -16.21
N LYS A 225 8.13 19.16 -17.13
CA LYS A 225 8.43 19.77 -18.43
C LYS A 225 7.39 19.43 -19.51
N ALA A 226 6.55 18.43 -19.20
CA ALA A 226 5.52 17.84 -20.08
C ALA A 226 4.35 18.79 -20.34
N ASP A 227 3.81 18.91 -21.53
CA ASP A 227 2.55 19.66 -21.63
CA ASP A 227 2.53 19.62 -21.68
C ASP A 227 1.40 18.91 -20.93
N PHE A 228 0.41 19.68 -20.46
CA PHE A 228 -0.82 19.15 -19.83
C PHE A 228 -1.56 18.10 -20.68
N THR A 229 -1.49 18.24 -21.99
CA THR A 229 -2.00 17.15 -22.82
C THR A 229 -1.35 15.76 -22.54
N ASP A 230 -0.03 15.73 -22.57
CA ASP A 230 0.76 14.51 -22.35
C ASP A 230 0.63 13.96 -20.91
N ILE A 231 0.68 14.83 -19.89
CA ILE A 231 0.34 14.41 -18.54
C ILE A 231 -1.07 13.84 -18.45
N SER A 232 -2.06 14.40 -19.16
CA SER A 232 -3.39 13.81 -19.13
C SER A 232 -3.46 12.43 -19.79
N LYS A 233 -2.76 12.25 -20.91
CA LYS A 233 -2.80 10.97 -21.53
C LYS A 233 -2.21 9.88 -20.62
N ILE A 234 -1.12 10.22 -19.93
CA ILE A 234 -0.46 9.27 -19.08
C ILE A 234 -1.45 8.95 -17.98
N VAL A 235 -2.03 9.98 -17.38
CA VAL A 235 -3.05 9.81 -16.35
C VAL A 235 -4.23 8.94 -16.80
N THR A 236 -4.74 9.18 -17.99
CA THR A 236 -5.86 8.38 -18.41
C THR A 236 -5.44 6.92 -18.64
N ASP A 237 -4.25 6.73 -19.20
CA ASP A 237 -3.73 5.38 -19.42
C ASP A 237 -3.47 4.63 -18.14
N LEU A 238 -2.99 5.38 -17.15
CA LEU A 238 -2.63 4.85 -15.86
C LEU A 238 -3.88 4.48 -15.03
N THR A 239 -4.88 5.34 -15.13
CA THR A 239 -6.20 5.05 -14.60
C THR A 239 -6.68 3.67 -15.12
N LYS A 240 -6.77 3.52 -16.42
CA LYS A 240 -7.20 2.26 -17.02
C LYS A 240 -6.43 1.03 -16.45
N VAL A 241 -5.07 1.13 -16.39
CA VAL A 241 -4.17 0.08 -15.95
C VAL A 241 -4.50 -0.25 -14.52
N HIS A 242 -4.63 0.77 -13.66
CA HIS A 242 -4.90 0.44 -12.28
C HIS A 242 -6.33 0.02 -12.06
N LYS A 243 -7.28 0.64 -12.74
CA LYS A 243 -8.68 0.16 -12.62
C LYS A 243 -8.64 -1.33 -12.95
N GLU A 244 -7.89 -1.68 -14.00
CA GLU A 244 -7.90 -3.02 -14.44
C GLU A 244 -7.21 -3.85 -13.40
N CYS A 245 -6.02 -3.40 -12.97
CA CYS A 245 -5.22 -4.22 -12.09
C CYS A 245 -5.99 -4.41 -10.80
N CYS A 246 -6.62 -3.34 -10.32
CA CYS A 246 -7.33 -3.35 -9.05
C CYS A 246 -8.56 -4.26 -9.07
N HIS A 247 -8.99 -4.64 -10.26
CA HIS A 247 -10.25 -5.30 -10.44
C HIS A 247 -9.97 -6.75 -10.83
N GLY A 248 -8.77 -7.26 -10.51
CA GLY A 248 -8.29 -8.55 -11.14
C GLY A 248 -8.11 -8.80 -12.68
N ASP A 249 -8.19 -7.76 -13.52
CA ASP A 249 -7.95 -7.97 -14.94
C ASP A 249 -6.47 -7.80 -15.22
N LEU A 250 -5.66 -8.58 -14.51
CA LEU A 250 -4.23 -8.41 -14.46
C LEU A 250 -3.52 -8.56 -15.76
N LEU A 251 -3.97 -9.46 -16.62
CA LEU A 251 -3.31 -9.55 -17.90
C LEU A 251 -3.53 -8.26 -18.68
N GLU A 252 -4.80 -7.86 -18.86
CA GLU A 252 -5.00 -6.67 -19.66
C GLU A 252 -4.16 -5.53 -19.02
N CYS A 253 -4.12 -5.48 -17.67
CA CYS A 253 -3.42 -4.44 -16.94
C CYS A 253 -1.90 -4.43 -17.24
N ALA A 254 -1.34 -5.61 -17.46
CA ALA A 254 0.08 -5.72 -17.62
C ALA A 254 0.41 -5.33 -19.04
N ASP A 255 -0.41 -5.82 -19.97
CA ASP A 255 -0.35 -5.35 -21.36
C ASP A 255 -0.51 -3.83 -21.42
N ASP A 256 -1.52 -3.29 -20.74
CA ASP A 256 -1.82 -1.94 -20.94
C ASP A 256 -0.62 -1.22 -20.37
N ARG A 257 0.02 -1.84 -19.38
CA ARG A 257 1.06 -1.08 -18.69
C ARG A 257 2.27 -0.99 -19.57
N ALA A 258 2.61 -2.15 -20.14
CA ALA A 258 3.76 -2.19 -20.99
C ALA A 258 3.54 -1.24 -22.15
N ASP A 259 2.30 -1.24 -22.66
CA ASP A 259 1.95 -0.31 -23.72
C ASP A 259 2.28 1.10 -23.32
N LEU A 260 1.90 1.46 -22.10
CA LEU A 260 2.11 2.83 -21.67
C LEU A 260 3.61 3.17 -21.54
N ALA A 261 4.42 2.25 -21.02
CA ALA A 261 5.84 2.54 -20.90
C ALA A 261 6.53 2.65 -22.30
N LYS A 262 6.10 1.78 -23.21
CA LYS A 262 6.46 1.92 -24.62
C LYS A 262 6.23 3.37 -25.07
N TYR A 263 5.02 3.85 -24.86
CA TYR A 263 4.69 5.23 -25.25
C TYR A 263 5.61 6.32 -24.65
N MET A 264 5.92 6.20 -23.39
CA MET A 264 6.71 7.23 -22.76
C MET A 264 8.10 7.15 -23.34
N CYS A 265 8.66 5.95 -23.42
CA CYS A 265 9.99 5.78 -23.99
C CYS A 265 10.07 6.34 -25.39
N GLU A 266 9.02 6.08 -26.15
CA GLU A 266 8.81 6.57 -27.47
C GLU A 266 8.76 8.08 -27.54
N HIS A 267 8.54 8.74 -26.39
CA HIS A 267 8.25 10.16 -26.35
C HIS A 267 8.99 10.77 -25.21
N GLN A 268 10.05 10.11 -24.75
CA GLN A 268 10.89 10.68 -23.65
C GLN A 268 11.40 12.11 -23.78
N GLU A 269 11.74 12.56 -24.99
CA GLU A 269 12.30 13.91 -25.26
C GLU A 269 11.41 15.08 -24.76
N THR A 270 10.11 15.04 -25.09
CA THR A 270 9.03 15.91 -24.64
C THR A 270 8.39 15.48 -23.32
N ILE A 271 9.00 14.51 -22.65
CA ILE A 271 8.50 14.16 -21.34
C ILE A 271 9.53 14.44 -20.26
N SER A 272 10.72 13.83 -20.33
CA SER A 272 11.76 13.99 -19.28
C SER A 272 13.14 13.50 -19.73
N SER A 273 14.20 14.19 -19.31
CA SER A 273 15.56 13.71 -19.61
C SER A 273 15.76 12.42 -18.89
N HIS A 274 15.17 12.32 -17.70
CA HIS A 274 15.48 11.23 -16.76
C HIS A 274 14.99 9.88 -17.27
N LEU A 275 14.09 9.91 -18.25
CA LEU A 275 13.51 8.71 -18.84
C LEU A 275 14.51 7.80 -19.58
N LYS A 276 15.58 8.40 -20.08
CA LYS A 276 16.54 7.65 -20.79
C LYS A 276 16.89 6.41 -19.99
N GLU A 277 17.20 6.60 -18.72
CA GLU A 277 17.76 5.51 -17.93
C GLU A 277 16.75 4.45 -17.54
N CYS A 278 15.46 4.68 -17.79
CA CYS A 278 14.50 3.60 -17.70
C CYS A 278 14.28 2.90 -19.05
N CYS A 279 14.33 3.66 -20.14
CA CYS A 279 13.88 3.21 -21.44
C CYS A 279 14.80 2.25 -22.16
N ASP A 280 16.03 2.19 -21.69
CA ASP A 280 16.98 1.23 -22.22
C ASP A 280 16.76 -0.15 -21.60
N LYS A 281 16.15 -0.20 -20.42
CA LYS A 281 16.06 -1.39 -19.60
C LYS A 281 15.10 -2.47 -20.10
N PRO A 282 15.24 -3.71 -19.60
CA PRO A 282 14.35 -4.78 -20.02
C PRO A 282 12.98 -4.48 -19.49
N ILE A 283 11.97 -5.26 -19.92
CA ILE A 283 10.55 -4.91 -19.75
C ILE A 283 10.03 -4.53 -18.37
N LEU A 284 10.26 -5.34 -17.37
CA LEU A 284 9.78 -4.97 -16.06
C LEU A 284 10.62 -3.89 -15.36
N GLU A 285 11.97 -3.90 -15.51
CA GLU A 285 12.77 -2.81 -14.90
C GLU A 285 12.39 -1.47 -15.58
N LYS A 286 11.98 -1.54 -16.84
CA LYS A 286 11.54 -0.33 -17.48
C LYS A 286 10.32 0.27 -16.73
N ALA A 287 9.26 -0.53 -16.62
CA ALA A 287 8.04 -0.02 -16.03
C ALA A 287 8.29 0.29 -14.54
N HIS A 288 9.03 -0.57 -13.87
CA HIS A 288 9.42 -0.28 -12.49
C HIS A 288 10.13 1.03 -12.40
N CYS A 289 10.99 1.30 -13.37
CA CYS A 289 11.88 2.45 -13.21
C CYS A 289 11.05 3.73 -13.47
N ILE A 290 10.18 3.71 -14.47
CA ILE A 290 9.33 4.86 -14.75
C ILE A 290 8.49 5.14 -13.50
N TYR A 291 8.15 4.05 -12.83
CA TYR A 291 7.10 4.03 -11.80
C TYR A 291 7.53 4.79 -10.54
N GLY A 292 8.82 4.78 -10.22
CA GLY A 292 9.36 5.49 -9.05
C GLY A 292 10.48 6.40 -9.49
N LEU A 293 10.40 6.91 -10.71
CA LEU A 293 11.40 7.82 -11.24
C LEU A 293 11.51 9.09 -10.41
N HIS A 294 12.74 9.61 -10.26
CA HIS A 294 12.97 10.91 -9.54
C HIS A 294 12.43 12.05 -10.36
N ASN A 295 11.84 12.99 -9.68
CA ASN A 295 11.31 14.22 -10.23
C ASN A 295 12.28 14.88 -11.15
N ASP A 296 11.83 15.37 -12.29
CA ASP A 296 12.77 16.13 -13.16
C ASP A 296 12.88 17.48 -12.54
N GLU A 297 13.82 18.28 -13.01
CA GLU A 297 13.98 19.64 -12.50
C GLU A 297 12.89 20.57 -13.14
N THR A 298 12.50 21.59 -12.39
CA THR A 298 11.43 22.47 -12.83
C THR A 298 11.91 23.31 -14.00
N PRO A 299 11.16 23.32 -15.11
CA PRO A 299 11.57 24.10 -16.32
C PRO A 299 11.80 25.54 -15.95
N ALA A 300 12.69 26.24 -16.64
CA ALA A 300 12.91 27.69 -16.41
C ALA A 300 11.75 28.51 -17.00
N GLY A 301 11.69 29.80 -16.73
CA GLY A 301 10.74 30.68 -17.44
C GLY A 301 9.24 30.41 -17.19
N LEU A 302 8.96 29.70 -16.09
CA LEU A 302 7.57 29.48 -15.71
C LEU A 302 6.99 30.79 -15.22
N PRO A 303 5.90 31.26 -15.88
CA PRO A 303 5.16 32.47 -15.48
C PRO A 303 4.63 32.34 -14.07
N ALA A 304 4.37 33.43 -13.39
CA ALA A 304 3.80 33.24 -12.10
C ALA A 304 2.45 32.64 -12.27
N VAL A 305 2.19 31.79 -11.29
CA VAL A 305 0.98 30.98 -11.24
C VAL A 305 -0.24 31.89 -11.08
N ALA A 306 -0.05 33.11 -10.58
CA ALA A 306 -1.22 33.92 -10.38
C ALA A 306 -1.71 34.58 -11.70
N GLU A 307 -0.87 34.57 -12.74
CA GLU A 307 -1.32 35.20 -13.97
C GLU A 307 -2.58 34.45 -14.38
N GLU A 308 -2.39 33.14 -14.56
CA GLU A 308 -3.44 32.26 -15.09
C GLU A 308 -4.57 32.05 -14.07
N PHE A 309 -4.29 32.13 -12.78
CA PHE A 309 -5.25 31.69 -11.78
C PHE A 309 -5.84 32.73 -10.78
N VAL A 310 -5.15 33.83 -10.51
CA VAL A 310 -5.85 34.89 -9.81
C VAL A 310 -6.25 35.94 -10.81
N GLU A 311 -5.56 36.03 -11.96
CA GLU A 311 -5.65 37.27 -12.72
C GLU A 311 -6.35 37.20 -14.06
N ASP A 312 -6.38 36.05 -14.73
CA ASP A 312 -7.14 36.02 -15.95
C ASP A 312 -8.50 36.60 -15.59
N LYS A 313 -9.01 37.46 -16.48
CA LYS A 313 -10.38 37.97 -16.34
C LYS A 313 -11.29 36.74 -16.30
N ASP A 314 -10.91 35.75 -17.12
CA ASP A 314 -11.69 34.58 -17.35
C ASP A 314 -11.54 33.45 -16.34
N VAL A 315 -11.03 33.77 -15.15
CA VAL A 315 -11.04 32.78 -14.06
C VAL A 315 -12.42 32.11 -13.83
N CYS A 316 -13.47 32.88 -13.54
CA CYS A 316 -14.74 32.24 -13.24
C CYS A 316 -15.31 31.61 -14.50
N LYS A 317 -15.09 32.27 -15.63
CA LYS A 317 -15.61 31.78 -16.89
C LYS A 317 -15.06 30.33 -17.14
N ASN A 318 -13.80 30.08 -16.77
CA ASN A 318 -13.23 28.76 -16.94
C ASN A 318 -13.69 27.69 -15.89
N TYR A 319 -13.61 28.04 -14.61
CA TYR A 319 -14.16 27.21 -13.54
C TYR A 319 -15.62 26.88 -13.77
N GLU A 320 -16.38 27.85 -14.25
CA GLU A 320 -17.77 27.62 -14.53
C GLU A 320 -18.02 26.78 -15.77
N GLU A 321 -17.45 27.17 -16.90
CA GLU A 321 -17.80 26.54 -18.16
C GLU A 321 -17.13 25.20 -18.32
N ALA A 322 -15.96 25.02 -17.73
CA ALA A 322 -15.23 23.75 -17.89
C ALA A 322 -14.41 23.37 -16.62
N LYS A 323 -15.13 23.05 -15.53
CA LYS A 323 -14.51 22.95 -14.18
C LYS A 323 -13.37 21.92 -14.10
N ASP A 324 -13.50 20.79 -14.79
CA ASP A 324 -12.46 19.76 -14.69
C ASP A 324 -11.23 20.23 -15.41
N LEU A 325 -11.44 20.69 -16.65
CA LEU A 325 -10.38 21.21 -17.49
C LEU A 325 -9.51 22.24 -16.79
N PHE A 326 -10.17 23.28 -16.29
CA PHE A 326 -9.51 24.34 -15.57
C PHE A 326 -8.87 23.81 -14.25
N LEU A 327 -9.50 22.88 -13.50
CA LEU A 327 -8.90 22.59 -12.16
C LEU A 327 -7.71 21.65 -12.25
N GLY A 328 -7.78 20.80 -13.27
CA GLY A 328 -6.64 19.98 -13.62
C GLY A 328 -5.53 20.91 -14.00
N LYS A 329 -5.80 21.88 -14.90
CA LYS A 329 -4.80 22.89 -15.25
C LYS A 329 -4.11 23.37 -13.97
N PHE A 330 -4.92 23.79 -13.00
CA PHE A 330 -4.39 24.27 -11.75
C PHE A 330 -3.55 23.17 -11.17
N LEU A 331 -4.12 21.98 -10.86
CA LEU A 331 -3.29 20.91 -10.24
C LEU A 331 -2.02 20.69 -11.06
N TYR A 332 -2.13 20.69 -12.40
CA TYR A 332 -0.94 20.64 -13.25
C TYR A 332 0.04 21.78 -12.95
N GLU A 333 -0.41 23.03 -12.95
CA GLU A 333 0.48 24.12 -12.78
C GLU A 333 1.00 24.28 -11.37
N TYR A 334 0.17 24.15 -10.35
CA TYR A 334 0.76 24.37 -9.01
C TYR A 334 1.74 23.26 -8.69
N SER A 335 1.39 22.07 -9.20
CA SER A 335 2.12 20.84 -8.91
C SER A 335 3.50 20.75 -9.55
N ARG A 336 3.56 21.10 -10.84
CA ARG A 336 4.84 21.07 -11.57
C ARG A 336 5.80 22.08 -10.98
N ARG A 337 5.23 23.10 -10.32
CA ARG A 337 5.98 24.17 -9.72
C ARG A 337 6.39 23.74 -8.32
N HIS A 338 5.99 22.55 -7.89
CA HIS A 338 6.12 22.21 -6.46
C HIS A 338 6.49 20.74 -6.15
N PRO A 339 7.69 20.32 -6.53
CA PRO A 339 8.14 18.97 -6.13
C PRO A 339 8.28 18.84 -4.59
N ASP A 340 8.41 19.96 -3.91
CA ASP A 340 8.65 20.00 -2.48
C ASP A 340 7.39 19.69 -1.67
N TYR A 341 6.22 19.69 -2.30
CA TYR A 341 4.98 19.29 -1.59
C TYR A 341 4.70 17.82 -1.72
N SER A 342 3.98 17.25 -0.75
CA SER A 342 3.40 15.92 -0.89
C SER A 342 2.19 16.04 -1.80
N VAL A 343 1.84 14.95 -2.48
CA VAL A 343 0.69 15.02 -3.40
C VAL A 343 -0.54 15.49 -2.67
N VAL A 344 -0.71 15.00 -1.47
CA VAL A 344 -1.96 15.21 -0.80
C VAL A 344 -2.04 16.63 -0.37
N LEU A 345 -0.89 17.20 -0.05
CA LEU A 345 -0.92 18.62 0.20
C LEU A 345 -1.44 19.31 -1.07
N LEU A 346 -0.71 19.20 -2.20
CA LEU A 346 -1.24 19.80 -3.45
C LEU A 346 -2.73 19.47 -3.62
N LEU A 347 -3.11 18.21 -3.49
CA LEU A 347 -4.55 17.93 -3.56
C LEU A 347 -5.41 18.82 -2.64
N ARG A 348 -5.00 19.00 -1.39
CA ARG A 348 -5.80 19.83 -0.51
C ARG A 348 -5.83 21.27 -1.08
N LEU A 349 -4.68 21.75 -1.57
CA LEU A 349 -4.55 23.11 -2.03
C LEU A 349 -5.53 23.32 -3.14
N GLY A 350 -5.43 22.47 -4.13
CA GLY A 350 -6.38 22.51 -5.22
C GLY A 350 -7.83 22.45 -4.78
N LYS A 351 -8.07 21.90 -3.59
CA LYS A 351 -9.37 21.69 -3.06
C LYS A 351 -9.85 23.05 -2.45
N ALA A 352 -8.96 23.72 -1.70
CA ALA A 352 -9.18 25.10 -1.19
C ALA A 352 -9.34 26.08 -2.36
N TYR A 353 -8.52 25.85 -3.39
CA TYR A 353 -8.63 26.66 -4.58
C TYR A 353 -10.02 26.52 -5.17
N GLU A 354 -10.55 25.28 -5.21
CA GLU A 354 -11.91 25.08 -5.66
C GLU A 354 -12.94 25.74 -4.72
N ALA A 355 -12.92 25.48 -3.40
CA ALA A 355 -13.95 26.17 -2.61
C ALA A 355 -13.89 27.69 -2.76
N THR A 356 -12.69 28.25 -2.77
CA THR A 356 -12.58 29.67 -2.89
C THR A 356 -13.32 30.12 -4.13
N LEU A 357 -12.96 29.64 -5.33
CA LEU A 357 -13.75 29.96 -6.53
C LEU A 357 -15.24 29.68 -6.32
N LYS A 358 -15.60 28.66 -5.56
CA LYS A 358 -17.01 28.33 -5.49
C LYS A 358 -17.62 29.49 -4.78
N LYS A 359 -17.01 29.88 -3.69
CA LYS A 359 -17.52 30.93 -2.82
C LYS A 359 -17.46 32.31 -3.52
N CYS A 360 -16.44 32.54 -4.35
CA CYS A 360 -16.12 33.86 -4.90
C CYS A 360 -16.71 34.13 -6.25
N CYS A 361 -16.79 33.10 -7.08
CA CYS A 361 -17.42 33.26 -8.38
C CYS A 361 -18.94 33.53 -8.30
N ALA A 362 -19.53 33.32 -7.13
CA ALA A 362 -20.96 33.59 -6.85
C ALA A 362 -21.24 35.07 -6.41
N THR A 363 -20.15 35.82 -6.23
CA THR A 363 -20.16 37.25 -5.97
C THR A 363 -20.30 38.14 -7.23
N ASP A 364 -20.63 39.39 -6.99
CA ASP A 364 -20.59 40.46 -7.99
C ASP A 364 -19.15 40.86 -8.29
N ASP A 365 -18.27 40.67 -7.30
CA ASP A 365 -16.84 40.79 -7.53
C ASP A 365 -16.12 39.53 -7.05
N PRO A 366 -15.93 38.57 -7.99
CA PRO A 366 -15.23 37.34 -7.69
C PRO A 366 -13.76 37.61 -7.43
N HIS A 367 -13.13 38.41 -8.28
CA HIS A 367 -11.71 38.62 -8.16
C HIS A 367 -11.39 39.15 -6.79
N ALA A 368 -12.08 40.19 -6.40
CA ALA A 368 -11.75 40.82 -5.15
C ALA A 368 -11.88 39.81 -4.10
N CYS A 369 -12.87 38.93 -4.26
CA CYS A 369 -13.08 37.82 -3.35
C CYS A 369 -11.87 36.86 -3.40
N TYR A 370 -11.54 36.37 -4.60
CA TYR A 370 -10.50 35.34 -4.69
C TYR A 370 -9.04 35.81 -4.74
N ALA A 371 -8.79 37.10 -4.90
CA ALA A 371 -7.43 37.60 -5.14
C ALA A 371 -6.35 37.04 -4.21
N LYS A 372 -6.70 36.76 -2.94
CA LYS A 372 -5.76 36.31 -1.92
C LYS A 372 -5.65 34.76 -1.88
N VAL A 373 -6.37 34.12 -2.77
CA VAL A 373 -6.54 32.69 -2.70
C VAL A 373 -5.20 31.99 -2.40
N LEU A 374 -4.19 32.16 -3.23
CA LEU A 374 -2.86 31.57 -3.02
C LEU A 374 -2.17 31.98 -1.67
N ASP A 375 -2.14 33.26 -1.38
CA ASP A 375 -1.47 33.66 -0.14
C ASP A 375 -2.15 32.87 0.99
N GLU A 376 -3.47 32.73 0.89
CA GLU A 376 -4.26 31.99 1.87
C GLU A 376 -3.90 30.48 1.88
N PHE A 377 -3.08 30.03 0.93
CA PHE A 377 -2.53 28.70 1.06
C PHE A 377 -1.51 28.55 2.19
N GLN A 378 -0.90 29.66 2.65
CA GLN A 378 0.25 29.49 3.53
C GLN A 378 -0.06 28.58 4.69
N PRO A 379 -1.16 28.84 5.40
CA PRO A 379 -1.53 27.93 6.51
C PRO A 379 -1.50 26.44 6.16
N LEU A 380 -2.19 26.02 5.11
CA LEU A 380 -2.18 24.61 4.74
C LEU A 380 -0.78 24.06 4.43
N VAL A 381 0.05 24.87 3.79
CA VAL A 381 1.44 24.48 3.62
C VAL A 381 2.11 24.42 4.99
N ASP A 382 1.73 25.33 5.87
CA ASP A 382 2.40 25.42 7.16
C ASP A 382 2.08 24.28 8.12
N GLU A 383 0.85 23.74 8.07
CA GLU A 383 0.43 22.77 9.09
C GLU A 383 1.25 21.50 9.11
N PRO A 384 1.36 20.77 7.98
CA PRO A 384 2.22 19.58 7.97
C PRO A 384 3.70 19.90 8.02
N LYS A 385 4.10 21.08 7.54
CA LYS A 385 5.51 21.46 7.49
C LYS A 385 6.00 21.33 8.91
N ASN A 386 5.30 21.98 9.85
CA ASN A 386 5.75 22.03 11.24
C ASN A 386 5.64 20.63 11.85
N LEU A 387 4.52 19.97 11.56
CA LEU A 387 4.27 18.65 12.12
C LEU A 387 5.44 17.72 11.91
N VAL A 388 5.84 17.57 10.65
CA VAL A 388 7.03 16.84 10.29
C VAL A 388 8.28 17.23 11.13
N LYS A 389 8.55 18.53 11.23
CA LYS A 389 9.73 18.97 11.95
C LYS A 389 9.61 18.50 13.41
N GLN A 390 8.40 18.61 13.96
CA GLN A 390 8.15 18.17 15.30
C GLN A 390 8.35 16.65 15.38
N ASN A 391 7.70 15.92 14.50
CA ASN A 391 7.77 14.51 14.67
C ASN A 391 9.16 13.98 14.46
N CYS A 392 9.82 14.42 13.37
CA CYS A 392 11.23 14.03 13.14
C CYS A 392 12.16 14.45 14.26
N GLU A 393 11.76 15.48 15.01
CA GLU A 393 12.49 15.87 16.20
C GLU A 393 12.41 14.68 17.15
N LEU A 394 11.20 14.17 17.33
CA LEU A 394 10.91 13.18 18.36
C LEU A 394 11.35 11.78 17.90
N TYR A 395 11.37 11.60 16.58
CA TYR A 395 11.98 10.41 16.01
C TYR A 395 13.45 10.41 16.38
N GLU A 396 14.18 11.45 15.96
CA GLU A 396 15.60 11.61 16.27
C GLU A 396 15.82 11.27 17.75
N GLN A 397 14.99 11.84 18.61
CA GLN A 397 15.08 11.70 20.06
C GLN A 397 14.91 10.25 20.52
N LEU A 398 13.82 9.61 20.12
CA LEU A 398 13.50 8.33 20.75
C LEU A 398 14.11 7.10 20.08
N GLY A 399 14.34 7.17 18.78
CA GLY A 399 14.75 5.99 18.00
C GLY A 399 13.58 5.11 17.61
N ASP A 400 13.79 4.28 16.61
CA ASP A 400 12.74 3.52 15.97
C ASP A 400 11.70 2.90 16.91
N TYR A 401 12.18 2.22 17.95
CA TYR A 401 11.39 1.35 18.77
C TYR A 401 10.52 2.17 19.72
N ASN A 402 11.13 3.15 20.38
CA ASN A 402 10.32 4.03 21.16
C ASN A 402 9.50 4.95 20.25
N PHE A 403 9.92 5.16 19.00
CA PHE A 403 9.13 6.09 18.19
C PHE A 403 7.87 5.32 17.91
N GLN A 404 8.03 4.04 17.58
CA GLN A 404 6.84 3.18 17.45
C GLN A 404 6.06 3.11 18.77
N ASN A 405 6.72 3.01 19.91
CA ASN A 405 5.93 2.92 21.11
C ASN A 405 5.08 4.14 21.35
N ALA A 406 5.69 5.27 21.10
CA ALA A 406 5.07 6.56 21.27
C ALA A 406 3.83 6.65 20.39
N LEU A 407 3.85 5.97 19.27
CA LEU A 407 2.69 6.04 18.43
C LEU A 407 1.63 5.03 18.84
N LEU A 408 2.06 3.83 19.25
CA LEU A 408 1.13 2.84 19.75
C LEU A 408 0.33 3.44 20.86
N VAL A 409 1.00 4.12 21.77
CA VAL A 409 0.33 4.69 22.90
C VAL A 409 -0.52 5.83 22.41
N ARG A 410 -0.05 6.58 21.42
CA ARG A 410 -0.86 7.65 20.87
C ARG A 410 -2.15 7.06 20.30
N TYR A 411 -1.96 6.15 19.35
CA TYR A 411 -3.00 5.64 18.56
C TYR A 411 -4.02 4.87 19.33
N THR A 412 -3.58 3.99 20.19
CA THR A 412 -4.49 3.21 20.98
C THR A 412 -5.35 4.19 21.80
N LYS A 413 -4.79 5.33 22.21
CA LYS A 413 -5.64 6.33 22.92
C LYS A 413 -6.67 7.07 22.00
N LYS A 414 -6.26 7.29 20.75
CA LYS A 414 -7.07 7.94 19.73
C LYS A 414 -8.33 7.15 19.39
N VAL A 415 -8.15 5.85 19.22
CA VAL A 415 -9.16 4.97 18.58
C VAL A 415 -9.01 3.62 19.28
N PRO A 416 -9.37 3.55 20.54
CA PRO A 416 -9.09 2.27 21.18
C PRO A 416 -9.97 1.09 20.71
N GLN A 417 -11.05 1.32 19.98
CA GLN A 417 -11.79 0.13 19.61
C GLN A 417 -11.16 -0.70 18.46
N VAL A 418 -10.34 -0.06 17.65
CA VAL A 418 -9.54 -0.78 16.66
C VAL A 418 -8.89 -1.96 17.38
N SER A 419 -8.95 -3.16 16.78
CA SER A 419 -8.27 -4.31 17.32
C SER A 419 -6.76 -4.12 17.43
N THR A 420 -6.24 -4.82 18.43
CA THR A 420 -4.89 -4.74 18.79
C THR A 420 -3.95 -5.03 17.66
N PRO A 421 -4.12 -6.16 16.99
CA PRO A 421 -3.03 -6.39 16.06
C PRO A 421 -3.11 -5.32 15.01
N THR A 422 -4.30 -4.82 14.70
CA THR A 422 -4.34 -3.72 13.73
C THR A 422 -3.51 -2.56 14.23
N LEU A 423 -3.79 -2.08 15.44
CA LEU A 423 -3.08 -0.93 16.05
C LEU A 423 -1.62 -1.20 16.13
N VAL A 424 -1.25 -2.46 16.37
CA VAL A 424 0.16 -2.77 16.45
C VAL A 424 0.81 -2.60 15.06
N GLU A 425 0.09 -3.08 14.06
CA GLU A 425 0.60 -2.98 12.74
C GLU A 425 0.76 -1.55 12.29
N ILE A 426 -0.31 -0.77 12.34
CA ILE A 426 -0.29 0.61 11.85
C ILE A 426 0.77 1.48 12.54
N SER A 427 0.94 1.29 13.84
CA SER A 427 1.78 2.17 14.66
C SER A 427 3.16 1.83 14.32
N ARG A 428 3.43 0.55 14.06
CA ARG A 428 4.76 0.25 13.57
C ARG A 428 5.02 0.93 12.23
N SER A 429 4.05 0.92 11.35
CA SER A 429 4.31 1.47 10.06
C SER A 429 4.42 3.00 10.16
N LEU A 430 3.55 3.60 10.95
CA LEU A 430 3.62 5.02 11.14
C LEU A 430 5.01 5.34 11.65
N GLY A 431 5.40 4.68 12.73
CA GLY A 431 6.75 4.74 13.23
C GLY A 431 7.80 4.75 12.16
N LYS A 432 7.62 3.89 11.15
CA LYS A 432 8.60 3.69 10.08
C LYS A 432 8.94 4.92 9.29
N VAL A 433 8.02 5.89 9.30
CA VAL A 433 8.17 7.14 8.56
C VAL A 433 9.42 7.82 8.99
N GLY A 434 9.64 7.86 10.30
CA GLY A 434 10.80 8.59 10.84
C GLY A 434 12.08 8.09 10.23
N SER A 435 12.20 6.78 10.25
CA SER A 435 13.40 6.12 9.81
C SER A 435 13.52 6.33 8.33
N LYS A 436 12.36 6.34 7.69
CA LYS A 436 12.31 6.51 6.24
C LYS A 436 12.70 7.91 5.76
N CYS A 437 12.22 8.94 6.45
CA CYS A 437 12.25 10.30 5.89
C CYS A 437 13.09 11.36 6.60
N CYS A 438 13.15 11.30 7.92
CA CYS A 438 13.80 12.36 8.64
C CYS A 438 15.26 12.50 8.20
N LYS A 439 15.79 11.43 7.61
CA LYS A 439 17.18 11.38 7.29
C LYS A 439 17.42 12.33 6.13
N HIS A 440 16.43 12.46 5.24
CA HIS A 440 16.48 13.44 4.15
C HIS A 440 16.58 14.83 4.74
N PRO A 441 17.10 15.79 3.92
CA PRO A 441 17.17 17.17 4.36
C PRO A 441 15.76 17.75 4.33
N GLU A 442 15.52 18.78 5.16
CA GLU A 442 14.17 19.32 5.44
C GLU A 442 13.24 19.46 4.29
N ALA A 443 13.75 19.97 3.17
CA ALA A 443 12.91 20.33 2.03
C ALA A 443 12.43 19.09 1.34
N GLU A 444 13.23 18.04 1.45
CA GLU A 444 12.90 16.75 0.82
C GLU A 444 11.81 15.95 1.61
N ARG A 445 11.63 16.29 2.87
CA ARG A 445 10.87 15.49 3.78
C ARG A 445 9.34 15.45 3.58
N LEU A 446 8.67 16.60 3.42
CA LEU A 446 7.22 16.56 3.47
C LEU A 446 6.71 15.55 2.47
N PRO A 447 7.13 15.69 1.20
CA PRO A 447 6.55 14.73 0.31
C PRO A 447 6.75 13.37 0.90
N CYS A 448 7.97 13.06 1.33
CA CYS A 448 8.34 11.68 1.74
C CYS A 448 7.37 11.24 2.80
N VAL A 449 7.14 12.12 3.77
CA VAL A 449 6.33 11.81 4.90
C VAL A 449 4.83 11.62 4.62
N GLU A 450 4.21 12.64 4.03
CA GLU A 450 2.76 12.65 3.89
C GLU A 450 2.31 11.57 2.94
N ASP A 451 3.10 11.29 1.95
CA ASP A 451 2.59 10.34 1.04
C ASP A 451 2.79 9.00 1.57
N TYR A 452 3.78 8.86 2.45
CA TYR A 452 3.97 7.61 3.16
C TYR A 452 2.82 7.42 4.15
N LEU A 453 2.64 8.37 5.06
CA LEU A 453 1.43 8.39 5.86
C LEU A 453 0.12 8.08 5.08
N SER A 454 0.02 8.50 3.80
CA SER A 454 -1.23 8.32 3.09
C SER A 454 -1.56 6.87 2.78
N VAL A 455 -0.50 6.14 2.55
CA VAL A 455 -0.47 4.73 2.32
C VAL A 455 -0.79 3.98 3.64
N VAL A 456 -0.23 4.43 4.74
CA VAL A 456 -0.39 3.68 5.96
C VAL A 456 -1.79 3.90 6.55
N LEU A 457 -2.22 5.16 6.57
CA LEU A 457 -3.53 5.51 7.08
C LEU A 457 -4.53 4.70 6.29
N ASN A 458 -4.27 4.64 4.98
CA ASN A 458 -5.16 3.88 4.09
C ASN A 458 -5.22 2.41 4.48
N ARG A 459 -4.06 1.84 4.78
CA ARG A 459 -4.04 0.45 5.32
C ARG A 459 -4.94 0.29 6.56
N LEU A 460 -4.99 1.39 7.33
CA LEU A 460 -5.83 1.38 8.50
C LEU A 460 -7.29 1.34 8.08
N CYS A 461 -7.66 2.23 7.16
CA CYS A 461 -9.00 2.28 6.65
C CYS A 461 -9.42 0.95 6.08
N VAL A 462 -8.59 0.37 5.21
CA VAL A 462 -9.09 -0.75 4.53
C VAL A 462 -9.22 -1.91 5.50
N LEU A 463 -8.24 -2.06 6.42
CA LEU A 463 -8.40 -3.03 7.59
C LEU A 463 -9.66 -2.78 8.39
N HIS A 464 -9.88 -1.55 8.84
CA HIS A 464 -11.09 -1.17 9.51
C HIS A 464 -12.43 -1.33 8.70
N GLU A 465 -12.38 -1.53 7.39
CA GLU A 465 -13.63 -1.39 6.64
C GLU A 465 -14.66 -2.48 6.85
N LYS A 466 -14.27 -3.74 6.72
CA LYS A 466 -15.26 -4.83 6.76
C LYS A 466 -15.81 -5.02 8.14
N THR A 467 -14.91 -4.96 9.12
CA THR A 467 -15.19 -5.21 10.53
C THR A 467 -15.17 -3.83 11.18
N PRO A 468 -16.13 -2.93 10.83
CA PRO A 468 -16.02 -1.55 11.30
C PRO A 468 -16.37 -1.38 12.82
N VAL A 469 -15.47 -0.80 13.62
CA VAL A 469 -15.67 -0.67 15.08
C VAL A 469 -15.52 0.74 15.66
N SER A 470 -14.89 1.67 14.97
CA SER A 470 -14.72 3.03 15.54
C SER A 470 -15.28 4.13 14.62
N GLU A 471 -16.33 4.82 15.07
CA GLU A 471 -16.91 5.98 14.37
C GLU A 471 -15.80 6.92 13.99
N LYS A 472 -14.88 7.17 14.93
CA LYS A 472 -13.78 8.05 14.62
C LYS A 472 -12.96 7.63 13.34
N VAL A 473 -12.74 6.36 13.15
CA VAL A 473 -12.04 5.96 11.96
C VAL A 473 -12.87 5.91 10.69
N THR A 474 -14.13 5.45 10.77
CA THR A 474 -15.02 5.52 9.64
C THR A 474 -15.06 6.98 9.14
N LYS A 475 -15.22 7.91 10.08
CA LYS A 475 -15.37 9.29 9.71
C LYS A 475 -14.14 9.71 8.93
N CYS A 476 -12.98 9.59 9.52
CA CYS A 476 -11.78 10.04 8.85
C CYS A 476 -11.57 9.20 7.59
N CYS A 477 -11.89 7.92 7.61
CA CYS A 477 -11.66 7.18 6.39
C CYS A 477 -12.63 7.57 5.27
N SER A 478 -13.89 7.86 5.62
CA SER A 478 -14.92 8.22 4.63
C SER A 478 -14.92 9.67 4.10
N GLU A 479 -14.59 10.62 4.94
CA GLU A 479 -14.91 12.01 4.70
C GLU A 479 -14.23 12.72 3.57
N SER A 480 -12.96 12.44 3.35
CA SER A 480 -12.24 13.05 2.25
C SER A 480 -11.04 12.20 2.18
N LEU A 481 -10.59 11.91 0.99
CA LEU A 481 -9.39 11.08 0.84
C LEU A 481 -8.12 11.89 1.17
N VAL A 482 -8.13 13.11 0.68
CA VAL A 482 -7.09 14.07 0.76
C VAL A 482 -6.81 14.51 2.20
N ASP A 483 -7.89 14.67 2.99
CA ASP A 483 -7.81 15.29 4.32
C ASP A 483 -7.68 14.25 5.42
N ARG A 484 -7.39 13.02 5.00
CA ARG A 484 -7.36 11.89 5.89
C ARG A 484 -6.37 12.18 7.01
N ARG A 485 -5.11 12.41 6.67
CA ARG A 485 -4.03 12.57 7.68
C ARG A 485 -4.24 13.67 8.72
N PRO A 486 -4.56 14.92 8.25
CA PRO A 486 -5.03 15.93 9.10
C PRO A 486 -5.98 15.35 10.11
N CYS A 487 -6.98 14.68 9.58
CA CYS A 487 -8.09 14.21 10.34
C CYS A 487 -7.62 13.24 11.41
N PHE A 488 -6.83 12.25 11.01
CA PHE A 488 -6.29 11.33 12.01
C PHE A 488 -5.38 12.06 13.02
N SER A 489 -4.75 13.17 12.59
CA SER A 489 -3.82 13.92 13.48
C SER A 489 -4.57 14.75 14.51
N ALA A 490 -5.74 15.18 14.10
CA ALA A 490 -6.62 15.97 14.88
C ALA A 490 -7.15 15.16 16.07
N LEU A 491 -7.37 13.85 15.89
CA LEU A 491 -7.86 12.98 16.99
C LEU A 491 -7.05 13.00 18.32
N GLY A 492 -7.76 13.35 19.38
CA GLY A 492 -7.20 13.33 20.71
C GLY A 492 -7.74 12.09 21.39
N PRO A 493 -7.47 11.95 22.70
CA PRO A 493 -8.01 10.82 23.43
C PRO A 493 -9.52 10.58 23.21
N ASP A 494 -9.91 9.32 23.09
CA ASP A 494 -11.30 8.96 23.02
C ASP A 494 -11.97 9.25 24.36
N GLU A 495 -13.22 9.69 24.31
CA GLU A 495 -13.95 10.18 25.48
C GLU A 495 -15.19 9.30 25.63
N THR A 496 -15.19 8.16 24.95
CA THR A 496 -16.31 7.25 24.97
C THR A 496 -15.86 5.91 25.50
N TYR A 497 -14.67 5.52 25.08
CA TYR A 497 -14.18 4.18 25.39
C TYR A 497 -14.25 3.80 26.88
N VAL A 498 -14.89 2.66 27.16
CA VAL A 498 -14.83 2.06 28.48
C VAL A 498 -13.62 1.14 28.46
N PRO A 499 -12.64 1.40 29.34
CA PRO A 499 -11.43 0.57 29.42
C PRO A 499 -11.55 -0.93 29.68
N LYS A 500 -10.64 -1.67 29.09
CA LYS A 500 -10.62 -3.11 29.18
C LYS A 500 -10.22 -3.60 30.55
N GLU A 501 -10.57 -4.86 30.83
CA GLU A 501 -10.31 -5.54 32.07
C GLU A 501 -9.00 -6.28 32.01
N PHE A 502 -8.36 -6.46 33.16
CA PHE A 502 -7.03 -7.05 33.20
C PHE A 502 -7.02 -8.52 32.79
N ASN A 503 -7.03 -8.82 31.49
CA ASN A 503 -7.03 -10.22 31.10
C ASN A 503 -5.73 -10.99 31.40
N ALA A 504 -5.85 -11.88 32.37
CA ALA A 504 -4.71 -12.62 32.86
C ALA A 504 -3.80 -13.06 31.70
N GLU A 505 -4.41 -13.43 30.57
CA GLU A 505 -3.70 -14.10 29.45
C GLU A 505 -3.00 -13.19 28.44
N THR A 506 -3.54 -11.99 28.19
CA THR A 506 -2.89 -11.03 27.28
C THR A 506 -1.51 -10.60 27.77
N PHE A 507 -1.11 -11.14 28.92
CA PHE A 507 0.19 -10.90 29.53
C PHE A 507 0.63 -12.26 30.08
N THR A 508 0.42 -13.28 29.27
CA THR A 508 0.73 -14.64 29.65
C THR A 508 1.45 -15.22 28.47
N PHE A 509 1.95 -16.45 28.61
CA PHE A 509 2.93 -17.04 27.69
C PHE A 509 3.08 -18.58 27.61
N HIS A 510 4.18 -18.93 26.96
CA HIS A 510 4.58 -20.29 26.69
C HIS A 510 6.00 -20.16 26.11
N ALA A 511 6.80 -21.21 26.34
CA ALA A 511 8.10 -21.41 25.70
C ALA A 511 8.14 -21.00 24.22
N ASP A 512 7.02 -21.17 23.51
CA ASP A 512 6.97 -20.95 22.06
C ASP A 512 7.43 -19.56 21.66
N ILE A 513 7.12 -18.55 22.45
CA ILE A 513 7.45 -17.21 22.07
C ILE A 513 8.97 -16.95 22.08
N CYS A 514 9.71 -17.80 22.80
CA CYS A 514 11.19 -17.80 22.78
C CYS A 514 11.72 -18.35 21.45
N THR A 515 10.85 -18.88 20.60
CA THR A 515 11.26 -19.34 19.26
C THR A 515 11.28 -18.11 18.32
N LEU A 516 10.56 -17.08 18.72
CA LEU A 516 10.43 -15.90 17.90
C LEU A 516 11.73 -15.05 17.91
N PRO A 517 12.24 -14.67 16.71
CA PRO A 517 13.40 -13.79 16.66
C PRO A 517 13.12 -12.55 17.46
N GLU A 518 14.14 -11.77 17.79
CA GLU A 518 13.92 -10.50 18.49
C GLU A 518 12.82 -9.65 17.82
N THR A 519 12.74 -9.70 16.50
CA THR A 519 11.72 -8.91 15.86
C THR A 519 10.35 -9.30 16.39
N GLU A 520 10.02 -10.59 16.39
CA GLU A 520 8.63 -11.02 16.68
C GLU A 520 8.31 -10.72 18.13
N ARG A 521 9.34 -10.87 18.94
CA ARG A 521 9.37 -10.61 20.36
C ARG A 521 8.96 -9.14 20.63
N LYS A 522 9.45 -8.22 19.79
CA LYS A 522 9.09 -6.80 19.86
C LYS A 522 7.62 -6.60 19.68
N ILE A 523 7.09 -7.15 18.58
CA ILE A 523 5.64 -7.10 18.35
C ILE A 523 4.89 -7.62 19.58
N LYS A 524 5.49 -8.53 20.31
CA LYS A 524 4.80 -9.15 21.43
C LYS A 524 4.73 -8.20 22.59
N LYS A 525 5.82 -7.50 22.82
CA LYS A 525 5.80 -6.49 23.86
C LYS A 525 4.92 -5.34 23.38
N GLN A 526 4.87 -5.13 22.07
CA GLN A 526 4.17 -3.97 21.56
C GLN A 526 2.72 -4.26 21.59
N THR A 527 2.37 -5.53 21.50
CA THR A 527 0.99 -5.96 21.72
C THR A 527 0.70 -5.86 23.21
N ALA A 528 1.67 -6.20 24.02
CA ALA A 528 1.43 -6.06 25.42
C ALA A 528 1.07 -4.61 25.75
N LEU A 529 1.82 -3.67 25.16
CA LEU A 529 1.68 -2.25 25.44
C LEU A 529 0.37 -1.71 24.86
N VAL A 530 -0.16 -2.25 23.77
CA VAL A 530 -1.44 -1.72 23.32
C VAL A 530 -2.53 -2.13 24.35
N GLU A 531 -2.62 -3.43 24.55
CA GLU A 531 -3.38 -3.96 25.64
C GLU A 531 -3.36 -3.10 26.92
N LEU A 532 -2.17 -2.70 27.38
CA LEU A 532 -2.02 -1.93 28.63
C LEU A 532 -2.62 -0.54 28.61
N VAL A 533 -2.63 0.10 27.46
CA VAL A 533 -3.23 1.45 27.34
C VAL A 533 -4.72 1.20 27.19
N LYS A 534 -5.06 0.00 26.76
CA LYS A 534 -6.45 -0.32 26.56
C LYS A 534 -7.04 -0.63 27.93
N HIS A 535 -6.21 -1.21 28.78
CA HIS A 535 -6.62 -1.51 30.12
C HIS A 535 -6.74 -0.20 30.91
N LYS A 536 -5.62 0.47 31.14
CA LYS A 536 -5.58 1.79 31.79
C LYS A 536 -5.03 2.86 30.85
N PRO A 537 -5.92 3.62 30.21
CA PRO A 537 -5.52 4.69 29.33
C PRO A 537 -4.97 5.92 30.01
N HIS A 538 -5.27 6.17 31.28
CA HIS A 538 -4.72 7.35 31.96
C HIS A 538 -3.43 6.99 32.68
N ALA A 539 -2.84 5.92 32.25
CA ALA A 539 -1.62 5.51 32.81
C ALA A 539 -0.49 6.29 32.22
N THR A 540 0.40 6.70 33.10
CA THR A 540 1.56 7.47 32.73
C THR A 540 2.51 6.65 31.90
N ASN A 541 3.31 7.38 31.14
CA ASN A 541 4.27 6.79 30.27
C ASN A 541 5.23 5.97 31.10
N ASP A 542 5.69 6.54 32.21
CA ASP A 542 6.63 5.84 33.06
C ASP A 542 6.02 4.60 33.57
N GLN A 543 4.76 4.67 34.03
CA GLN A 543 4.06 3.48 34.48
C GLN A 543 4.11 2.41 33.39
N LEU A 544 3.52 2.73 32.24
CA LEU A 544 3.59 1.90 31.02
C LEU A 544 5.01 1.40 30.71
N LYS A 545 6.00 2.28 30.70
CA LYS A 545 7.39 1.88 30.51
C LYS A 545 7.87 0.90 31.53
N THR A 546 7.27 0.91 32.74
CA THR A 546 7.77 0.03 33.81
C THR A 546 7.35 -1.41 33.60
N VAL A 547 6.11 -1.59 33.18
CA VAL A 547 5.56 -2.93 32.87
C VAL A 547 6.14 -3.50 31.59
N VAL A 548 6.17 -2.69 30.55
CA VAL A 548 6.81 -3.15 29.32
C VAL A 548 8.28 -3.54 29.58
N GLY A 549 8.98 -2.71 30.34
CA GLY A 549 10.33 -3.02 30.86
C GLY A 549 10.44 -4.34 31.65
N GLU A 550 9.42 -4.67 32.44
CA GLU A 550 9.47 -5.88 33.23
C GLU A 550 9.17 -7.12 32.38
N PHE A 551 8.26 -6.91 31.43
CA PHE A 551 7.81 -7.91 30.45
C PHE A 551 9.01 -8.31 29.58
N THR A 552 9.71 -7.29 29.04
CA THR A 552 11.09 -7.42 28.53
C THR A 552 12.01 -8.25 29.46
N ALA A 553 11.90 -8.06 30.78
CA ALA A 553 12.71 -8.83 31.72
C ALA A 553 12.15 -10.23 32.01
N LEU A 554 10.85 -10.47 31.81
CA LEU A 554 10.41 -11.86 31.89
C LEU A 554 11.11 -12.72 30.82
N LEU A 555 11.11 -12.28 29.57
CA LEU A 555 11.77 -13.02 28.48
C LEU A 555 13.25 -13.22 28.72
N ASP A 556 13.90 -12.20 29.24
CA ASP A 556 15.36 -12.14 29.27
C ASP A 556 15.98 -13.14 30.20
N LYS A 557 15.24 -13.52 31.24
CA LYS A 557 15.69 -14.57 32.11
C LYS A 557 15.35 -15.95 31.54
N CYS A 558 14.17 -16.08 30.95
CA CYS A 558 13.52 -17.39 30.88
C CYS A 558 13.72 -18.20 29.64
N CYS A 559 14.34 -17.56 28.65
CA CYS A 559 14.76 -18.23 27.44
C CYS A 559 16.29 -18.45 27.59
N SER A 560 16.66 -18.90 28.81
CA SER A 560 18.02 -19.37 29.19
C SER A 560 18.35 -20.79 28.65
N ALA A 561 19.66 -21.12 28.62
CA ALA A 561 20.17 -22.40 28.06
C ALA A 561 19.28 -23.65 28.24
N GLU A 562 18.99 -24.04 29.49
CA GLU A 562 18.39 -25.37 29.72
C GLU A 562 16.85 -25.43 29.74
N ASP A 563 16.21 -24.98 30.84
CA ASP A 563 14.75 -25.12 30.90
C ASP A 563 14.08 -23.78 30.88
N LYS A 564 13.18 -23.64 29.93
CA LYS A 564 12.49 -22.39 29.69
C LYS A 564 11.05 -22.51 30.16
N GLU A 565 10.48 -23.69 29.96
CA GLU A 565 9.07 -23.92 30.27
C GLU A 565 8.71 -23.43 31.68
N ALA A 566 9.38 -23.99 32.70
CA ALA A 566 9.05 -23.78 34.13
C ALA A 566 8.93 -22.31 34.55
N CYS A 567 10.00 -21.53 34.31
CA CYS A 567 10.04 -20.11 34.71
C CYS A 567 8.75 -19.34 34.42
N PHE A 568 8.30 -19.45 33.18
CA PHE A 568 7.13 -18.74 32.76
C PHE A 568 6.05 -19.03 33.79
N ALA A 569 5.83 -20.31 34.09
CA ALA A 569 4.82 -20.64 35.07
C ALA A 569 5.24 -20.14 36.46
N VAL A 570 6.56 -20.04 36.70
CA VAL A 570 7.13 -19.52 38.00
C VAL A 570 7.09 -17.96 38.24
N GLU A 571 7.60 -17.17 37.28
CA GLU A 571 7.54 -15.70 37.33
C GLU A 571 6.28 -15.10 36.71
N GLY A 572 5.79 -15.79 35.69
CA GLY A 572 4.65 -15.34 34.89
C GLY A 572 3.56 -14.69 35.69
N PRO A 573 2.94 -15.44 36.64
CA PRO A 573 1.90 -14.87 37.49
C PRO A 573 2.45 -13.78 38.39
N LYS A 574 3.66 -13.96 38.91
CA LYS A 574 4.32 -12.89 39.70
C LYS A 574 4.57 -11.65 38.83
N LEU A 575 4.57 -11.85 37.51
CA LEU A 575 4.78 -10.75 36.58
C LEU A 575 3.46 -10.05 36.18
N VAL A 576 2.38 -10.84 36.24
CA VAL A 576 1.01 -10.35 36.19
C VAL A 576 0.88 -9.48 37.44
N GLU A 577 1.06 -10.09 38.61
CA GLU A 577 0.82 -9.37 39.84
C GLU A 577 1.57 -8.05 39.94
N SER A 578 2.87 -8.09 39.68
CA SER A 578 3.67 -6.87 39.51
C SER A 578 2.95 -5.76 38.70
N SER A 579 2.37 -6.12 37.54
CA SER A 579 1.81 -5.13 36.58
C SER A 579 0.59 -4.46 37.12
N LYS A 580 -0.29 -5.24 37.73
CA LYS A 580 -1.48 -4.67 38.31
C LYS A 580 -1.02 -3.75 39.41
N ALA A 581 0.06 -4.12 40.08
CA ALA A 581 0.56 -3.32 41.18
C ALA A 581 0.94 -1.95 40.65
N THR A 582 1.85 -1.94 39.66
CA THR A 582 2.48 -0.70 39.15
C THR A 582 1.53 0.26 38.42
N LEU A 583 0.27 -0.13 38.24
CA LEU A 583 -0.73 0.68 37.55
C LEU A 583 -1.90 1.13 38.44
N GLY A 584 -2.46 0.20 39.22
CA GLY A 584 -3.57 0.52 40.14
C GLY A 584 -4.94 -0.07 39.82
C1 NPS B . 5.84 12.19 11.20
O2 NPS B . 7.25 12.24 10.99
C2 NPS B . 5.01 13.28 10.83
C14 NPS B . -0.34 10.61 12.51
C3 NPS B . 3.61 13.19 11.01
C4 NPS B . 3.05 12.01 11.57
C5 NPS B . 3.87 10.96 11.94
C6 NPS B . 5.28 11.04 11.74
C7 NPS B . 1.65 11.91 11.79
C8 NPS B . 1.13 10.77 12.36
C10 NPS B . -1.05 11.09 11.33
C13 NPS B . 3.35 9.84 12.49
C11 NPS B . 1.97 9.73 12.69
C12 NPS B . 7.75 13.04 9.94
O NPS B . -0.12 12.14 14.36
OXT NPS B . -2.02 11.00 14.20
C15 NPS B . -0.86 11.30 13.75
C1 NPS C . -9.41 15.76 -12.61
O2 NPS C . -9.31 14.95 -13.77
C2 NPS C . -9.00 17.10 -12.63
C14 NPS C . -10.30 18.55 -6.70
C3 NPS C . -9.12 17.93 -11.48
C4 NPS C . -9.62 17.41 -10.30
C5 NPS C . -10.04 16.09 -10.26
C6 NPS C . -9.92 15.24 -11.44
C7 NPS C . -9.71 18.24 -9.14
C8 NPS C . -10.25 17.72 -7.95
C10 NPS C . -9.56 19.84 -6.90
C13 NPS C . -10.56 15.54 -9.05
C11 NPS C . -10.66 16.35 -7.90
C12 NPS C . -8.06 14.83 -14.46
O NPS C . -10.40 17.30 -4.46
OXT NPS C . -8.39 17.33 -5.58
C15 NPS C . -9.66 17.70 -5.50
C1 NPS D . 6.86 9.56 24.70
O2 NPS D . 7.30 10.81 24.28
C2 NPS D . 5.58 9.41 25.28
C14 NPS D . 5.76 3.33 26.25
C3 NPS D . 5.11 8.15 25.67
C4 NPS D . 5.93 7.02 25.52
C5 NPS D . 7.20 7.14 24.94
C6 NPS D . 7.67 8.45 24.52
C7 NPS D . 5.47 5.76 25.94
C8 NPS D . 6.26 4.65 25.78
C10 NPS D . 5.04 3.51 27.49
C13 NPS D . 7.99 6.03 24.76
C11 NPS D . 7.53 4.79 25.16
C12 NPS D . 6.34 11.76 23.76
O NPS D . 6.73 1.07 26.51
OXT NPS D . 8.16 2.82 26.59
C15 NPS D . 6.95 2.35 26.46
#